data_9HI3
#
_entry.id   9HI3
#
_cell.length_a   66.678
_cell.length_b   67.446
_cell.length_c   85.969
_cell.angle_alpha   90.00
_cell.angle_beta   90.00
_cell.angle_gamma   90.00
#
_symmetry.space_group_name_H-M   'C 2 2 21'
#
loop_
_entity.id
_entity.type
_entity.pdbx_description
1 polymer 'Protein TonB,Ferredoxin-1, chloroplastic'
2 non-polymer 'FE2/S2 (INORGANIC) CLUSTER'
3 non-polymer 'NICKEL (II) ION'
4 non-polymer 'POTASSIUM ION'
5 water water
#
_entity_poly.entity_id   1
_entity_poly.type   'polypeptide(L)'
_entity_poly.pdbx_seq_one_letter_code
;FRALHRRVNYPSRAKALGVEGKVRVKFDITGSGTVTNVQVLSETPDGVFGDDVVKDMARWRYRTEAPVENQVVSIVFKLN
GHIRVDDQQGSAGSAGSAGSAAAYKVTLVTPTGNVEFQCPDDVYILDAAEEEGIDLPYSCRAGSCSSCAGKLKTGSLNQD
DQSFLDDDQIDEGWVLTCAAYPVSDVTIETHKEEELTA
;
_entity_poly.pdbx_strand_id   A
#
loop_
_chem_comp.id
_chem_comp.type
_chem_comp.name
_chem_comp.formula
FES non-polymer 'FE2/S2 (INORGANIC) CLUSTER' 'Fe2 S2'
K non-polymer 'POTASSIUM ION' 'K 1'
NI non-polymer 'NICKEL (II) ION' 'Ni 2'
#
# COMPACT_ATOMS: atom_id res chain seq x y z
N PHE A 1 22.26 -2.49 1.80
CA PHE A 1 20.98 -3.27 1.87
C PHE A 1 20.03 -2.88 0.74
N ARG A 2 19.71 -3.80 -0.17
CA ARG A 2 18.81 -3.45 -1.24
C ARG A 2 18.36 -4.68 -2.04
N ALA A 3 17.20 -4.54 -2.69
CA ALA A 3 16.67 -5.59 -3.54
C ALA A 3 17.56 -5.74 -4.78
N LEU A 4 17.78 -7.00 -5.20
CA LEU A 4 18.49 -7.28 -6.44
C LEU A 4 17.57 -7.82 -7.51
N HIS A 5 16.79 -8.84 -7.15
CA HIS A 5 15.92 -9.47 -8.11
C HIS A 5 14.60 -9.79 -7.40
N ARG A 6 13.52 -9.21 -7.94
CA ARG A 6 12.19 -9.36 -7.36
C ARG A 6 11.13 -9.66 -8.42
N ARG A 7 11.43 -10.58 -9.34
CA ARG A 7 10.55 -10.87 -10.44
C ARG A 7 9.22 -11.42 -9.93
N VAL A 8 8.15 -10.90 -10.55
CA VAL A 8 6.80 -11.42 -10.38
C VAL A 8 6.25 -11.68 -11.78
N ASN A 9 5.64 -12.86 -11.92
CA ASN A 9 5.01 -13.29 -13.15
C ASN A 9 3.52 -12.92 -13.12
N TYR A 10 2.95 -12.73 -14.32
CA TYR A 10 1.55 -12.37 -14.43
C TYR A 10 0.73 -13.64 -14.57
N PRO A 11 -0.16 -13.99 -13.62
CA PRO A 11 -0.95 -15.22 -13.75
C PRO A 11 -1.87 -15.18 -14.95
N SER A 12 -1.79 -16.22 -15.81
CA SER A 12 -2.52 -16.20 -17.07
C SER A 12 -4.02 -16.12 -16.84
N ARG A 13 -4.49 -16.70 -15.74
CA ARG A 13 -5.91 -16.73 -15.47
C ARG A 13 -6.42 -15.31 -15.18
N ALA A 14 -5.60 -14.47 -14.54
CA ALA A 14 -5.99 -13.09 -14.29
C ALA A 14 -6.11 -12.33 -15.60
N LYS A 15 -5.12 -12.56 -16.46
CA LYS A 15 -5.09 -11.96 -17.78
C LYS A 15 -6.38 -12.30 -18.54
N ALA A 16 -6.70 -13.59 -18.60
CA ALA A 16 -7.87 -14.15 -19.27
C ALA A 16 -9.18 -13.58 -18.74
N LEU A 17 -9.29 -13.47 -17.42
CA LEU A 17 -10.47 -12.95 -16.75
C LEU A 17 -10.60 -11.43 -16.84
N GLY A 18 -9.56 -10.72 -17.28
CA GLY A 18 -9.53 -9.26 -17.30
C GLY A 18 -9.61 -8.64 -15.90
N VAL A 19 -8.98 -9.34 -14.93
CA VAL A 19 -8.99 -8.92 -13.54
C VAL A 19 -7.69 -8.17 -13.25
N GLU A 20 -7.84 -7.00 -12.63
CA GLU A 20 -6.75 -6.26 -12.01
C GLU A 20 -6.64 -6.71 -10.55
N GLY A 21 -5.49 -6.52 -9.93
CA GLY A 21 -5.46 -7.00 -8.56
C GLY A 21 -4.31 -6.44 -7.74
N LYS A 22 -4.22 -6.97 -6.52
CA LYS A 22 -3.31 -6.42 -5.53
C LYS A 22 -3.08 -7.45 -4.45
N VAL A 23 -1.79 -7.64 -4.11
CA VAL A 23 -1.38 -8.51 -3.04
C VAL A 23 -0.49 -7.68 -2.11
N ARG A 24 -0.72 -7.81 -0.80
N ARG A 24 -0.74 -7.80 -0.80
CA ARG A 24 0.22 -7.27 0.16
CA ARG A 24 0.21 -7.28 0.17
C ARG A 24 0.77 -8.45 0.94
C ARG A 24 0.77 -8.47 0.93
N VAL A 25 2.10 -8.49 1.09
CA VAL A 25 2.75 -9.68 1.58
C VAL A 25 3.94 -9.29 2.44
N LYS A 26 4.12 -10.05 3.53
N LYS A 26 4.10 -10.03 3.56
CA LYS A 26 5.23 -9.85 4.44
CA LYS A 26 5.19 -9.93 4.51
C LYS A 26 6.25 -10.98 4.25
C LYS A 26 6.26 -10.98 4.19
N PHE A 27 7.52 -10.66 4.46
CA PHE A 27 8.58 -11.65 4.35
C PHE A 27 9.77 -11.17 5.15
N ASP A 28 10.66 -12.12 5.47
CA ASP A 28 11.96 -11.80 6.04
C ASP A 28 13.07 -12.09 5.00
N ILE A 29 14.22 -11.42 5.19
CA ILE A 29 15.39 -11.68 4.37
C ILE A 29 16.47 -12.31 5.24
N THR A 30 17.17 -13.33 4.71
CA THR A 30 18.22 -14.03 5.40
C THR A 30 19.52 -13.24 5.23
N GLY A 31 20.53 -13.57 6.03
CA GLY A 31 21.85 -12.99 5.80
C GLY A 31 22.43 -13.31 4.41
N SER A 32 21.93 -14.37 3.77
CA SER A 32 22.34 -14.68 2.41
C SER A 32 21.61 -13.82 1.37
N GLY A 33 20.61 -13.04 1.80
CA GLY A 33 19.81 -12.30 0.84
C GLY A 33 18.67 -13.10 0.22
N THR A 34 18.24 -14.22 0.81
CA THR A 34 17.10 -14.94 0.26
C THR A 34 15.87 -14.61 1.11
N VAL A 35 14.67 -14.95 0.58
CA VAL A 35 13.42 -14.54 1.19
C VAL A 35 12.78 -15.75 1.88
N THR A 36 12.32 -15.61 3.14
CA THR A 36 11.62 -16.67 3.85
C THR A 36 10.50 -16.10 4.72
N ASN A 37 9.77 -16.96 5.44
CA ASN A 37 8.79 -16.53 6.42
C ASN A 37 7.79 -15.61 5.71
N VAL A 38 7.33 -16.05 4.52
CA VAL A 38 6.49 -15.28 3.64
C VAL A 38 5.04 -15.46 4.10
N GLN A 39 4.29 -14.36 4.24
CA GLN A 39 2.87 -14.47 4.56
C GLN A 39 2.06 -13.41 3.81
N VAL A 40 1.08 -13.86 3.03
CA VAL A 40 0.19 -12.95 2.34
C VAL A 40 -0.67 -12.24 3.39
N LEU A 41 -0.74 -10.91 3.32
CA LEU A 41 -1.53 -10.12 4.25
C LEU A 41 -2.94 -9.93 3.67
N SER A 42 -2.99 -9.77 2.35
CA SER A 42 -4.27 -9.54 1.68
C SER A 42 -4.07 -9.81 0.20
N GLU A 43 -5.16 -10.25 -0.46
CA GLU A 43 -5.15 -10.50 -1.88
C GLU A 43 -6.53 -10.15 -2.42
N THR A 44 -6.53 -9.26 -3.43
CA THR A 44 -7.75 -8.69 -4.00
C THR A 44 -7.75 -8.84 -5.51
N PRO A 45 -8.71 -9.57 -6.14
CA PRO A 45 -9.63 -10.47 -5.44
C PRO A 45 -8.88 -11.69 -4.95
N ASP A 46 -9.58 -12.60 -4.25
CA ASP A 46 -8.95 -13.71 -3.57
C ASP A 46 -8.78 -14.83 -4.59
N GLY A 47 -7.70 -15.60 -4.45
CA GLY A 47 -7.50 -16.88 -5.10
C GLY A 47 -7.02 -16.72 -6.53
N VAL A 48 -6.51 -15.54 -6.90
CA VAL A 48 -6.07 -15.31 -8.27
C VAL A 48 -4.56 -15.05 -8.29
N PHE A 49 -4.04 -14.25 -7.35
CA PHE A 49 -2.64 -13.85 -7.43
C PHE A 49 -1.71 -14.34 -6.33
N GLY A 50 -2.28 -14.60 -5.15
CA GLY A 50 -1.51 -14.88 -3.96
C GLY A 50 -0.55 -16.06 -4.10
N ASP A 51 -1.07 -17.23 -4.49
CA ASP A 51 -0.26 -18.43 -4.48
C ASP A 51 0.94 -18.26 -5.41
N ASP A 52 0.69 -17.65 -6.57
CA ASP A 52 1.73 -17.44 -7.57
C ASP A 52 2.78 -16.48 -7.06
N VAL A 53 2.35 -15.45 -6.34
CA VAL A 53 3.27 -14.46 -5.83
C VAL A 53 4.20 -15.11 -4.81
N VAL A 54 3.65 -15.97 -3.95
CA VAL A 54 4.47 -16.60 -2.93
C VAL A 54 5.53 -17.48 -3.60
N LYS A 55 5.14 -18.16 -4.69
CA LYS A 55 6.04 -19.02 -5.43
C LYS A 55 7.17 -18.17 -6.01
N ASP A 56 6.79 -17.05 -6.64
CA ASP A 56 7.79 -16.18 -7.22
C ASP A 56 8.77 -15.67 -6.18
N MET A 57 8.26 -15.32 -5.00
CA MET A 57 9.10 -14.71 -3.97
C MET A 57 10.17 -15.68 -3.46
N ALA A 58 9.96 -16.98 -3.60
CA ALA A 58 10.97 -17.94 -3.22
C ALA A 58 12.29 -17.68 -3.95
N ARG A 59 12.28 -17.08 -5.15
CA ARG A 59 13.49 -16.85 -5.91
C ARG A 59 14.02 -15.42 -5.80
N TRP A 60 13.38 -14.59 -4.96
CA TRP A 60 13.89 -13.24 -4.85
C TRP A 60 15.29 -13.22 -4.25
N ARG A 61 16.00 -12.15 -4.57
CA ARG A 61 17.34 -11.90 -4.08
C ARG A 61 17.56 -10.46 -3.62
N TYR A 62 18.23 -10.36 -2.47
CA TYR A 62 18.66 -9.10 -1.91
C TYR A 62 20.16 -9.14 -1.66
N ARG A 63 20.77 -7.95 -1.61
CA ARG A 63 22.07 -7.72 -1.03
C ARG A 63 21.90 -7.20 0.40
N THR A 64 22.58 -7.85 1.38
CA THR A 64 22.43 -7.46 2.78
C THR A 64 23.64 -7.93 3.57
N GLU A 65 23.92 -7.11 4.59
N GLU A 65 24.05 -7.26 4.64
CA GLU A 65 24.95 -7.26 5.61
CA GLU A 65 25.09 -7.88 5.44
C GLU A 65 24.47 -8.06 6.83
C GLU A 65 24.48 -8.58 6.65
N ALA A 66 23.17 -8.39 6.89
CA ALA A 66 22.55 -9.02 8.04
C ALA A 66 21.11 -9.39 7.74
N PRO A 67 20.50 -10.37 8.42
CA PRO A 67 19.09 -10.65 8.19
C PRO A 67 18.22 -9.43 8.56
N VAL A 68 17.10 -9.30 7.86
CA VAL A 68 16.13 -8.23 8.01
C VAL A 68 14.74 -8.86 8.16
N GLU A 69 13.98 -8.37 9.15
CA GLU A 69 12.70 -8.97 9.49
C GLU A 69 11.56 -8.11 8.93
N ASN A 70 10.44 -8.76 8.63
CA ASN A 70 9.14 -8.13 8.50
C ASN A 70 9.16 -7.00 7.47
N GLN A 71 9.70 -7.31 6.30
CA GLN A 71 9.53 -6.45 5.13
C GLN A 71 8.12 -6.67 4.59
N VAL A 72 7.56 -5.62 3.97
CA VAL A 72 6.27 -5.76 3.35
C VAL A 72 6.33 -5.08 2.00
N VAL A 73 5.73 -5.73 0.99
CA VAL A 73 5.52 -5.08 -0.28
C VAL A 73 4.05 -5.14 -0.66
N SER A 74 3.70 -4.20 -1.52
CA SER A 74 2.46 -4.26 -2.28
C SER A 74 2.84 -4.68 -3.70
N ILE A 75 2.05 -5.61 -4.26
CA ILE A 75 2.24 -6.04 -5.63
C ILE A 75 0.92 -5.76 -6.34
N VAL A 76 0.98 -4.83 -7.28
CA VAL A 76 -0.19 -4.41 -8.04
C VAL A 76 -0.12 -4.98 -9.46
N PHE A 77 -1.24 -5.51 -9.94
CA PHE A 77 -1.39 -6.07 -11.28
C PHE A 77 -2.47 -5.28 -12.00
N LYS A 78 -2.12 -4.70 -13.16
CA LYS A 78 -3.08 -3.94 -13.96
C LYS A 78 -3.15 -4.54 -15.36
N LEU A 79 -4.03 -3.95 -16.20
CA LEU A 79 -4.26 -4.50 -17.52
C LEU A 79 -3.00 -4.41 -18.37
N ASN A 80 -2.97 -5.20 -19.44
CA ASN A 80 -1.88 -5.14 -20.41
C ASN A 80 -0.55 -5.50 -19.75
N GLY A 81 -0.56 -6.44 -18.78
CA GLY A 81 0.68 -7.01 -18.28
C GLY A 81 1.42 -6.18 -17.24
N HIS A 82 0.79 -5.13 -16.69
CA HIS A 82 1.54 -4.28 -15.77
C HIS A 82 1.63 -4.95 -14.39
N ILE A 83 2.83 -4.99 -13.80
CA ILE A 83 3.04 -5.39 -12.42
C ILE A 83 4.02 -4.40 -11.79
N ARG A 84 3.74 -3.98 -10.55
CA ARG A 84 4.69 -3.16 -9.81
C ARG A 84 4.81 -3.66 -8.37
N VAL A 85 6.05 -3.56 -7.86
CA VAL A 85 6.35 -4.01 -6.52
C VAL A 85 6.78 -2.77 -5.73
N ASP A 86 6.04 -2.42 -4.68
CA ASP A 86 6.28 -1.23 -3.87
C ASP A 86 6.53 -1.64 -2.43
N ASP A 87 7.60 -1.10 -1.87
CA ASP A 87 7.95 -1.34 -0.48
C ASP A 87 7.09 -0.51 0.46
N GLN A 88 6.66 -1.14 1.54
CA GLN A 88 5.85 -0.53 2.58
C GLN A 88 6.50 -0.83 3.93
N GLN A 89 5.84 -0.52 5.04
CA GLN A 89 6.44 -0.63 6.35
C GLN A 89 5.77 -1.76 7.13
N GLY A 90 6.55 -2.67 7.72
CA GLY A 90 6.00 -3.70 8.58
C GLY A 90 5.52 -3.15 9.93
N SER A 91 4.63 -3.89 10.57
CA SER A 91 3.96 -3.56 11.81
C SER A 91 3.92 -4.83 12.64
N ALA A 92 3.51 -4.76 13.90
CA ALA A 92 3.24 -5.96 14.68
C ALA A 92 2.30 -6.90 13.96
N GLY A 93 1.27 -6.32 13.33
CA GLY A 93 0.23 -7.10 12.66
C GLY A 93 0.76 -7.79 11.40
N SER A 94 1.56 -7.09 10.58
CA SER A 94 2.14 -7.72 9.40
C SER A 94 3.02 -8.91 9.73
N ALA A 95 3.72 -8.85 10.88
CA ALA A 95 4.65 -9.88 11.29
C ALA A 95 3.92 -11.17 11.67
N GLY A 96 2.63 -11.05 11.96
CA GLY A 96 1.79 -12.20 12.22
C GLY A 96 1.38 -12.27 13.68
N SER A 97 1.35 -11.11 14.37
CA SER A 97 1.05 -11.14 15.79
C SER A 97 -0.42 -11.48 16.05
N ALA A 98 -0.69 -11.99 17.26
CA ALA A 98 -2.03 -12.23 17.81
C ALA A 98 -2.85 -10.94 17.79
N GLY A 99 -4.13 -11.11 17.50
CA GLY A 99 -5.12 -10.05 17.56
C GLY A 99 -5.03 -9.16 16.32
N SER A 100 -5.99 -8.23 16.22
CA SER A 100 -6.12 -7.42 15.01
C SER A 100 -5.76 -5.97 15.32
N ALA A 101 -5.08 -5.30 14.39
CA ALA A 101 -4.87 -3.87 14.48
C ALA A 101 -6.20 -3.16 14.72
N ALA A 102 -6.16 -2.06 15.47
CA ALA A 102 -7.27 -1.14 15.56
C ALA A 102 -7.58 -0.71 14.11
N ALA A 103 -8.87 -0.54 13.81
CA ALA A 103 -9.28 -0.11 12.49
C ALA A 103 -10.23 1.08 12.64
N TYR A 104 -10.24 1.91 11.62
CA TYR A 104 -10.99 3.15 11.63
C TYR A 104 -11.77 3.24 10.33
N LYS A 105 -12.84 4.04 10.39
CA LYS A 105 -13.69 4.22 9.23
C LYS A 105 -13.15 5.42 8.44
N VAL A 106 -12.88 5.15 7.17
CA VAL A 106 -12.49 6.18 6.23
C VAL A 106 -13.68 6.52 5.36
N THR A 107 -13.97 7.82 5.27
CA THR A 107 -15.00 8.33 4.38
C THR A 107 -14.26 9.10 3.30
N LEU A 108 -14.38 8.67 2.02
CA LEU A 108 -13.79 9.38 0.91
C LEU A 108 -14.86 10.16 0.18
N VAL A 109 -14.56 11.43 -0.10
CA VAL A 109 -15.43 12.30 -0.87
C VAL A 109 -14.74 12.46 -2.22
N THR A 110 -15.26 11.69 -3.21
CA THR A 110 -14.66 11.55 -4.52
C THR A 110 -15.52 12.34 -5.51
N PRO A 111 -14.92 12.69 -6.66
CA PRO A 111 -15.66 13.42 -7.70
C PRO A 111 -16.93 12.69 -8.11
N THR A 112 -17.02 11.38 -7.87
CA THR A 112 -18.19 10.62 -8.29
C THR A 112 -19.03 10.20 -7.10
N GLY A 113 -18.77 10.81 -5.93
CA GLY A 113 -19.57 10.59 -4.75
C GLY A 113 -18.75 10.02 -3.59
N ASN A 114 -19.46 9.69 -2.52
CA ASN A 114 -18.83 9.31 -1.26
C ASN A 114 -18.78 7.80 -1.13
N VAL A 115 -17.73 7.31 -0.47
CA VAL A 115 -17.58 5.89 -0.19
C VAL A 115 -16.95 5.73 1.19
N GLU A 116 -17.24 4.59 1.83
CA GLU A 116 -16.75 4.44 3.19
C GLU A 116 -16.23 3.01 3.28
N PHE A 117 -15.12 2.82 4.00
CA PHE A 117 -14.59 1.50 4.33
C PHE A 117 -13.77 1.56 5.60
N GLN A 118 -13.46 0.38 6.14
CA GLN A 118 -12.56 0.23 7.26
C GLN A 118 -11.11 0.27 6.76
N CYS A 119 -10.21 0.87 7.56
CA CYS A 119 -8.79 0.91 7.27
C CYS A 119 -8.04 0.57 8.55
N PRO A 120 -7.27 -0.53 8.61
CA PRO A 120 -6.45 -0.79 9.79
C PRO A 120 -5.45 0.34 10.01
N ASP A 121 -4.99 0.50 11.26
CA ASP A 121 -4.10 1.59 11.61
C ASP A 121 -2.69 1.36 11.08
N ASP A 122 -2.46 0.21 10.45
CA ASP A 122 -1.16 -0.13 9.90
C ASP A 122 -1.23 -0.31 8.39
N VAL A 123 -2.30 0.23 7.78
CA VAL A 123 -2.48 0.20 6.34
C VAL A 123 -2.72 1.61 5.84
N TYR A 124 -2.09 1.93 4.72
CA TYR A 124 -2.24 3.27 4.15
C TYR A 124 -3.63 3.45 3.55
N ILE A 125 -4.11 4.70 3.55
CA ILE A 125 -5.40 5.02 2.99
C ILE A 125 -5.56 4.43 1.58
N LEU A 126 -4.60 4.75 0.69
CA LEU A 126 -4.67 4.23 -0.67
C LEU A 126 -4.89 2.72 -0.73
N ASP A 127 -4.08 1.99 0.04
CA ASP A 127 -4.11 0.53 0.01
C ASP A 127 -5.50 0.03 0.42
N ALA A 128 -6.07 0.58 1.50
CA ALA A 128 -7.36 0.13 2.00
C ALA A 128 -8.43 0.47 0.96
N ALA A 129 -8.30 1.62 0.27
CA ALA A 129 -9.25 1.98 -0.76
C ALA A 129 -9.19 0.99 -1.92
N GLU A 130 -7.97 0.58 -2.27
CA GLU A 130 -7.76 -0.41 -3.32
C GLU A 130 -8.35 -1.76 -2.92
N GLU A 131 -8.23 -2.12 -1.63
N GLU A 131 -8.27 -2.12 -1.63
CA GLU A 131 -8.78 -3.37 -1.16
CA GLU A 131 -8.80 -3.40 -1.23
C GLU A 131 -10.31 -3.35 -1.22
C GLU A 131 -10.32 -3.35 -1.03
N GLU A 132 -10.91 -2.16 -1.17
CA GLU A 132 -12.36 -2.02 -1.23
C GLU A 132 -12.80 -1.85 -2.68
N GLY A 133 -11.84 -1.75 -3.59
CA GLY A 133 -12.11 -1.82 -5.02
C GLY A 133 -12.36 -0.44 -5.59
N ILE A 134 -11.88 0.59 -4.88
CA ILE A 134 -11.97 1.98 -5.30
C ILE A 134 -10.68 2.37 -6.04
N ASP A 135 -10.83 3.12 -7.15
CA ASP A 135 -9.72 3.48 -8.01
C ASP A 135 -9.38 4.93 -7.67
N LEU A 136 -8.31 5.07 -6.90
CA LEU A 136 -7.77 6.38 -6.54
C LEU A 136 -6.50 6.62 -7.34
N PRO A 137 -6.18 7.89 -7.64
CA PRO A 137 -4.96 8.18 -8.37
C PRO A 137 -3.69 7.96 -7.55
N TYR A 138 -2.64 7.63 -8.29
CA TYR A 138 -1.31 7.48 -7.71
C TYR A 138 -0.29 7.37 -8.84
N SER A 139 0.98 7.60 -8.52
CA SER A 139 2.01 7.28 -9.47
C SER A 139 3.25 6.79 -8.73
N CYS A 140 3.94 7.65 -7.96
CA CYS A 140 5.14 7.16 -7.33
C CYS A 140 4.91 6.09 -6.25
N ARG A 141 3.82 6.22 -5.47
CA ARG A 141 3.49 5.38 -4.32
C ARG A 141 4.55 5.46 -3.23
N ALA A 142 5.33 6.55 -3.25
CA ALA A 142 6.44 6.68 -2.33
C ALA A 142 6.43 7.99 -1.55
N GLY A 143 5.26 8.63 -1.49
CA GLY A 143 5.11 9.84 -0.70
C GLY A 143 5.93 10.99 -1.29
N SER A 144 6.23 10.91 -2.57
CA SER A 144 7.15 11.85 -3.20
C SER A 144 6.57 12.51 -4.45
N CYS A 145 5.23 12.69 -4.55
CA CYS A 145 4.63 13.41 -5.68
C CYS A 145 3.25 13.93 -5.26
N SER A 146 2.47 14.46 -6.22
CA SER A 146 1.17 15.06 -5.97
C SER A 146 0.02 14.15 -6.37
N SER A 147 0.29 13.03 -7.04
CA SER A 147 -0.77 12.26 -7.69
C SER A 147 -1.92 11.87 -6.77
N CYS A 148 -1.58 11.39 -5.55
CA CYS A 148 -2.54 10.81 -4.63
C CYS A 148 -3.08 11.86 -3.65
N ALA A 149 -2.84 13.15 -3.90
CA ALA A 149 -3.22 14.21 -3.00
C ALA A 149 -4.71 14.22 -2.68
N GLY A 150 -4.97 14.47 -1.38
CA GLY A 150 -6.30 14.75 -0.93
C GLY A 150 -6.27 15.80 0.18
N LYS A 151 -7.47 16.19 0.60
CA LYS A 151 -7.69 17.16 1.68
C LYS A 151 -8.41 16.48 2.83
N LEU A 152 -7.78 16.54 4.00
CA LEU A 152 -8.30 15.96 5.25
C LEU A 152 -9.36 16.90 5.80
N LYS A 153 -10.61 16.45 5.90
CA LYS A 153 -11.70 17.30 6.37
C LYS A 153 -11.96 17.14 7.86
N THR A 154 -11.73 15.93 8.35
N THR A 154 -11.87 15.92 8.39
CA THR A 154 -11.92 15.64 9.76
CA THR A 154 -11.99 15.67 9.82
C THR A 154 -11.06 14.44 10.14
C THR A 154 -11.14 14.46 10.16
N GLY A 155 -10.72 14.41 11.44
CA GLY A 155 -9.94 13.31 11.99
C GLY A 155 -8.44 13.54 11.86
N SER A 156 -7.67 12.51 12.18
CA SER A 156 -6.23 12.72 12.21
C SER A 156 -5.52 11.54 11.52
N LEU A 157 -4.38 11.88 10.93
CA LEU A 157 -3.59 10.97 10.11
C LEU A 157 -2.17 10.95 10.64
N ASN A 158 -1.52 9.82 10.40
CA ASN A 158 -0.07 9.77 10.51
C ASN A 158 0.51 9.79 9.10
N GLN A 159 1.30 10.82 8.80
CA GLN A 159 1.91 10.98 7.49
C GLN A 159 3.43 11.03 7.64
N ASP A 160 3.94 10.28 8.61
CA ASP A 160 5.38 10.28 8.85
C ASP A 160 6.11 9.77 7.61
N ASP A 161 5.48 8.92 6.81
CA ASP A 161 6.16 8.28 5.70
C ASP A 161 6.16 9.14 4.42
N GLN A 162 5.46 10.27 4.41
CA GLN A 162 5.40 11.13 3.23
C GLN A 162 6.57 12.10 3.26
N SER A 163 6.82 12.77 2.13
CA SER A 163 7.88 13.75 2.08
C SER A 163 7.64 14.90 1.12
N PHE A 164 6.68 14.81 0.19
CA PHE A 164 6.50 15.87 -0.81
C PHE A 164 5.78 17.12 -0.29
N LEU A 165 4.91 16.95 0.71
CA LEU A 165 4.27 18.06 1.40
C LEU A 165 5.27 18.69 2.37
N ASP A 166 5.20 20.03 2.47
CA ASP A 166 5.86 20.74 3.56
C ASP A 166 4.94 20.85 4.76
N ASP A 167 5.55 21.34 5.86
N ASP A 167 5.43 21.30 5.92
CA ASP A 167 4.95 21.63 7.16
CA ASP A 167 4.60 21.27 7.11
C ASP A 167 3.60 22.30 6.96
C ASP A 167 3.48 22.31 6.99
N ASP A 168 3.69 23.45 6.28
CA ASP A 168 2.57 24.32 6.03
C ASP A 168 1.39 23.59 5.40
N GLN A 169 1.66 22.79 4.38
CA GLN A 169 0.61 22.10 3.66
C GLN A 169 -0.03 21.05 4.57
N ILE A 170 0.78 20.32 5.34
CA ILE A 170 0.18 19.33 6.23
C ILE A 170 -0.75 20.04 7.21
N ASP A 171 -0.27 21.15 7.75
CA ASP A 171 -1.04 21.93 8.72
C ASP A 171 -2.35 22.44 8.11
N GLU A 172 -2.36 22.72 6.80
CA GLU A 172 -3.56 23.14 6.09
C GLU A 172 -4.48 21.99 5.71
N GLY A 173 -4.12 20.73 5.98
CA GLY A 173 -5.00 19.59 5.75
C GLY A 173 -4.64 18.72 4.55
N TRP A 174 -3.54 19.04 3.87
CA TRP A 174 -3.13 18.23 2.73
C TRP A 174 -2.72 16.83 3.16
N VAL A 175 -2.99 15.83 2.29
CA VAL A 175 -2.66 14.44 2.59
C VAL A 175 -2.16 13.74 1.34
N LEU A 176 -1.06 12.99 1.42
CA LEU A 176 -0.67 12.06 0.38
C LEU A 176 -1.18 10.68 0.79
N THR A 177 -2.26 10.28 0.10
CA THR A 177 -2.99 9.09 0.53
C THR A 177 -2.20 7.79 0.41
N CYS A 178 -1.14 7.74 -0.42
CA CYS A 178 -0.32 6.54 -0.51
C CYS A 178 0.61 6.32 0.68
N ALA A 179 0.72 7.34 1.55
CA ALA A 179 1.72 7.33 2.62
C ALA A 179 1.10 7.73 3.95
N ALA A 180 -0.24 7.73 4.05
CA ALA A 180 -0.93 8.20 5.23
C ALA A 180 -1.70 7.06 5.87
N TYR A 181 -1.55 6.91 7.20
CA TYR A 181 -2.35 5.98 7.98
C TYR A 181 -3.38 6.75 8.81
N PRO A 182 -4.60 6.20 8.96
CA PRO A 182 -5.56 6.80 9.88
C PRO A 182 -5.15 6.50 11.31
N VAL A 183 -5.35 7.50 12.18
CA VAL A 183 -5.25 7.22 13.61
C VAL A 183 -6.56 7.54 14.34
N SER A 184 -7.60 7.80 13.55
CA SER A 184 -8.98 7.97 13.98
C SER A 184 -9.85 7.74 12.74
N ASP A 185 -11.17 7.78 12.85
CA ASP A 185 -12.02 7.89 11.68
C ASP A 185 -11.63 9.19 10.99
N VAL A 186 -11.62 9.18 9.65
CA VAL A 186 -11.22 10.34 8.87
C VAL A 186 -12.20 10.53 7.71
N THR A 187 -12.29 11.78 7.24
CA THR A 187 -12.95 12.13 5.98
C THR A 187 -11.89 12.83 5.13
N ILE A 188 -11.70 12.33 3.90
CA ILE A 188 -10.77 12.87 2.94
C ILE A 188 -11.43 13.11 1.60
N GLU A 189 -11.29 14.34 1.10
N GLU A 189 -11.23 14.32 1.07
CA GLU A 189 -11.60 14.64 -0.29
CA GLU A 189 -11.60 14.64 -0.29
C GLU A 189 -10.42 14.15 -1.13
C GLU A 189 -10.44 14.27 -1.20
N THR A 190 -10.73 13.41 -2.19
CA THR A 190 -9.72 12.82 -3.06
C THR A 190 -9.59 13.65 -4.35
N HIS A 191 -8.63 13.22 -5.17
CA HIS A 191 -8.44 13.78 -6.50
C HIS A 191 -8.14 15.27 -6.43
N LYS A 192 -7.25 15.69 -5.54
CA LYS A 192 -6.98 17.11 -5.31
C LYS A 192 -5.60 17.52 -5.78
N GLU A 193 -4.95 16.67 -6.59
CA GLU A 193 -3.61 16.95 -7.06
C GLU A 193 -3.52 18.38 -7.62
N GLU A 194 -4.48 18.78 -8.44
CA GLU A 194 -4.30 20.05 -9.15
C GLU A 194 -4.41 21.24 -8.19
N GLU A 195 -5.25 21.07 -7.18
CA GLU A 195 -5.39 22.08 -6.15
C GLU A 195 -4.14 22.15 -5.27
N LEU A 196 -3.54 21.00 -4.96
CA LEU A 196 -2.33 21.00 -4.17
C LEU A 196 -1.25 21.90 -4.75
N THR A 197 -0.90 21.70 -6.03
CA THR A 197 0.33 22.29 -6.57
C THR A 197 0.13 23.68 -7.18
N ALA A 198 -1.13 24.13 -7.28
CA ALA A 198 -1.54 25.42 -7.84
C ALA A 198 -0.92 26.63 -7.13
FE1 FES B . 1.39 9.21 -3.29
FE2 FES B . 3.21 9.88 -5.26
S1 FES B . 1.52 8.50 -5.39
S2 FES B . 2.97 10.67 -3.19
NI NI C . 2.99 22.38 11.64
K K D . 12.40 -13.96 10.94
#